data_2JAT
#
_entry.id   2JAT
#
_cell.length_a   83.931
_cell.length_b   83.931
_cell.length_c   53.310
_cell.angle_alpha   90.00
_cell.angle_beta   90.00
_cell.angle_gamma   120.00
#
_symmetry.space_group_name_H-M   'P 31'
#
loop_
_entity.id
_entity.type
_entity.pdbx_description
1 polymer 'DEOXYGUANOSINE KINASE'
2 non-polymer 'MAGNESIUM ION'
3 non-polymer 'PYROPHOSPHATE 2-'
4 non-polymer "2'-DEOXYCYTIDINE-5'-MONOPHOSPHATE"
5 water water
#
_entity_poly.entity_id   1
_entity_poly.type   'polypeptide(L)'
_entity_poly.pdbx_seq_one_letter_code
;MKIAIFGTVGAGKSTISAEISKKLGYEIFKEPVEENPYFEQYYKDLKKTVFKMQIYMLTARSKQLKQAKNLENIIFDRTL
LEDPIFMKVNYDLNNVDQTDYNTYIDFYNNVVLENLKIPENKLSFDIVIYLRVSTKTAISRIKKRGRSEELLIGEEYWET
LNKNYEEFYKQNVYDFPFFVVDAELDVKTQIELIMNKLNSIKNPN
;
_entity_poly.pdbx_strand_id   A,B
#
loop_
_chem_comp.id
_chem_comp.type
_chem_comp.name
_chem_comp.formula
DCM non-polymer 2'-DEOXYCYTIDINE-5'-MONOPHOSPHATE 'C9 H14 N3 O7 P'
MG non-polymer 'MAGNESIUM ION' 'Mg 2'
POP non-polymer 'PYROPHOSPHATE 2-' 'H2 O7 P2 -2'
#
# COMPACT_ATOMS: atom_id res chain seq x y z
N MET A 1 13.80 26.03 -2.43
CA MET A 1 13.48 25.76 -3.87
C MET A 1 13.32 24.27 -4.20
N LYS A 2 12.09 23.85 -4.48
CA LYS A 2 11.80 22.44 -4.76
C LYS A 2 11.31 22.24 -6.16
N ILE A 3 12.06 21.44 -6.90
CA ILE A 3 11.85 21.29 -8.34
C ILE A 3 11.48 19.85 -8.63
N ALA A 4 10.25 19.67 -9.11
CA ALA A 4 9.83 18.38 -9.64
C ALA A 4 10.19 18.34 -11.10
N ILE A 5 10.69 17.20 -11.55
CA ILE A 5 10.92 16.97 -12.98
C ILE A 5 9.98 15.88 -13.48
N PHE A 6 9.27 16.18 -14.56
CA PHE A 6 8.03 15.49 -14.87
C PHE A 6 7.97 15.05 -16.34
N GLY A 7 7.77 13.77 -16.58
CA GLY A 7 7.55 13.30 -17.94
C GLY A 7 7.70 11.80 -18.08
N THR A 8 7.38 11.29 -19.27
CA THR A 8 7.40 9.85 -19.53
C THR A 8 8.81 9.24 -19.53
N VAL A 9 8.88 7.91 -19.71
CA VAL A 9 10.15 7.18 -19.81
C VAL A 9 10.96 7.64 -21.05
N GLY A 10 12.20 8.05 -20.82
CA GLY A 10 13.07 8.49 -21.90
C GLY A 10 12.85 9.94 -22.33
N ALA A 11 12.12 10.71 -21.51
CA ALA A 11 11.98 12.16 -21.76
C ALA A 11 13.31 12.88 -21.51
N GLY A 12 14.07 12.37 -20.55
CA GLY A 12 15.40 12.92 -20.27
C GLY A 12 15.41 13.58 -18.92
N LYS A 13 14.65 13.03 -17.98
CA LYS A 13 14.60 13.54 -16.61
C LYS A 13 15.92 13.39 -15.88
N SER A 14 16.51 12.21 -15.94
CA SER A 14 17.80 12.03 -15.26
C SER A 14 18.87 12.95 -15.85
N THR A 15 18.89 13.11 -17.17
CA THR A 15 19.81 14.02 -17.85
C THR A 15 19.59 15.46 -17.44
N ILE A 16 18.35 15.94 -17.60
CA ILE A 16 18.01 17.30 -17.21
C ILE A 16 18.27 17.59 -15.72
N SER A 17 17.89 16.66 -14.83
CA SER A 17 18.00 16.92 -13.41
C SER A 17 19.45 16.91 -12.97
N ALA A 18 20.24 16.02 -13.56
CA ALA A 18 21.69 15.97 -13.31
C ALA A 18 22.38 17.27 -13.74
N GLU A 19 21.85 17.89 -14.79
CA GLU A 19 22.36 19.15 -15.28
C GLU A 19 21.96 20.32 -14.36
N ILE A 20 20.69 20.40 -14.01
CA ILE A 20 20.23 21.40 -13.04
C ILE A 20 21.07 21.29 -11.78
N SER A 21 21.28 20.07 -11.33
CA SER A 21 22.00 19.81 -10.10
C SER A 21 23.38 20.48 -10.13
N LYS A 22 24.14 20.21 -11.19
CA LYS A 22 25.47 20.76 -11.40
C LYS A 22 25.46 22.28 -11.33
N LYS A 23 24.43 22.86 -11.93
CA LYS A 23 24.29 24.30 -11.96
C LYS A 23 23.89 24.92 -10.62
N LEU A 24 22.96 24.30 -9.90
CA LEU A 24 22.47 24.87 -8.65
C LEU A 24 23.16 24.36 -7.42
N GLY A 25 23.48 23.06 -7.41
CA GLY A 25 24.13 22.44 -6.26
C GLY A 25 23.15 21.71 -5.36
N TYR A 26 22.03 21.29 -5.94
CA TYR A 26 21.01 20.56 -5.20
C TYR A 26 21.10 19.06 -5.43
N GLU A 27 20.63 18.31 -4.45
CA GLU A 27 20.55 16.87 -4.56
C GLU A 27 19.36 16.40 -5.40
N ILE A 28 19.49 15.21 -5.97
CA ILE A 28 18.44 14.63 -6.78
C ILE A 28 17.73 13.50 -6.04
N PHE A 29 16.41 13.57 -5.96
CA PHE A 29 15.66 12.40 -5.55
C PHE A 29 15.29 11.46 -6.71
N LYS A 30 15.94 10.31 -6.69
CA LYS A 30 15.99 9.41 -7.80
C LYS A 30 15.78 8.02 -7.26
N GLU A 31 14.54 7.52 -7.36
CA GLU A 31 14.25 6.11 -7.11
C GLU A 31 15.01 5.22 -8.11
N PRO A 32 16.13 4.65 -7.65
CA PRO A 32 17.04 4.04 -8.60
C PRO A 32 16.52 2.69 -9.05
N VAL A 33 16.37 2.58 -10.37
CA VAL A 33 15.89 1.37 -11.02
C VAL A 33 16.73 0.13 -10.66
N GLU A 34 18.00 0.34 -10.34
CA GLU A 34 18.94 -0.75 -10.08
C GLU A 34 18.73 -1.40 -8.70
N GLU A 35 17.96 -0.75 -7.85
CA GLU A 35 17.65 -1.29 -6.52
C GLU A 35 16.25 -1.88 -6.46
N ASN A 36 15.39 -1.50 -7.40
CA ASN A 36 14.06 -2.08 -7.50
C ASN A 36 14.10 -3.57 -7.89
N PRO A 37 13.74 -4.46 -6.95
CA PRO A 37 13.88 -5.90 -7.16
C PRO A 37 12.79 -6.51 -8.04
N TYR A 38 11.84 -5.69 -8.49
CA TYR A 38 10.75 -6.18 -9.34
C TYR A 38 11.05 -5.94 -10.81
N PHE A 39 11.91 -4.96 -11.06
CA PHE A 39 12.16 -4.38 -12.37
C PHE A 39 12.57 -5.40 -13.42
N GLU A 40 13.40 -6.36 -13.02
CA GLU A 40 13.98 -7.31 -13.96
C GLU A 40 12.93 -8.22 -14.60
N GLN A 41 11.95 -8.68 -13.83
CA GLN A 41 10.89 -9.55 -14.36
C GLN A 41 9.70 -8.73 -14.85
N TYR A 42 9.67 -7.47 -14.45
CA TYR A 42 8.53 -6.58 -14.62
C TYR A 42 7.92 -6.61 -16.02
N TYR A 43 8.72 -6.25 -17.02
CA TYR A 43 8.27 -6.14 -18.41
C TYR A 43 8.01 -7.47 -19.11
N LYS A 44 8.65 -8.54 -18.62
CA LYS A 44 8.53 -9.88 -19.21
C LYS A 44 7.12 -10.45 -19.08
N ASP A 45 6.34 -9.90 -18.16
CA ASP A 45 5.01 -10.43 -17.83
C ASP A 45 4.25 -9.42 -16.99
N LEU A 46 3.69 -8.42 -17.68
CA LEU A 46 3.04 -7.27 -17.04
C LEU A 46 1.86 -7.62 -16.13
N LYS A 47 0.99 -8.53 -16.59
CA LYS A 47 -0.17 -8.95 -15.80
C LYS A 47 0.21 -9.38 -14.37
N LYS A 48 1.18 -10.29 -14.25
CA LYS A 48 1.66 -10.78 -12.94
C LYS A 48 2.36 -9.74 -12.05
N THR A 49 3.16 -8.87 -12.66
CA THR A 49 4.13 -8.06 -11.90
C THR A 49 3.67 -6.66 -11.52
N VAL A 50 2.93 -6.01 -12.42
CA VAL A 50 2.54 -4.60 -12.30
C VAL A 50 1.97 -4.18 -10.93
N PHE A 51 0.92 -4.87 -10.45
CA PHE A 51 0.31 -4.46 -9.19
C PHE A 51 1.37 -4.34 -8.12
N LYS A 52 2.04 -5.45 -7.80
CA LYS A 52 3.13 -5.46 -6.84
C LYS A 52 4.16 -4.35 -7.09
N MET A 53 4.57 -4.21 -8.35
CA MET A 53 5.52 -3.18 -8.74
C MET A 53 5.06 -1.78 -8.37
N GLN A 54 3.82 -1.45 -8.74
CA GLN A 54 3.23 -0.15 -8.47
C GLN A 54 3.09 0.15 -6.98
N ILE A 55 2.94 -0.90 -6.18
CA ILE A 55 2.87 -0.81 -4.73
C ILE A 55 4.26 -0.51 -4.20
N TYR A 56 5.26 -1.23 -4.71
CA TYR A 56 6.65 -1.03 -4.30
C TYR A 56 7.04 0.42 -4.55
N MET A 57 6.48 0.99 -5.61
CA MET A 57 6.87 2.31 -6.02
C MET A 57 6.35 3.36 -5.08
N LEU A 58 5.07 3.26 -4.70
CA LEU A 58 4.51 4.19 -3.72
C LEU A 58 5.29 4.13 -2.40
N THR A 59 5.53 2.91 -1.89
CA THR A 59 6.38 2.66 -0.71
C THR A 59 7.73 3.38 -0.80
N ALA A 60 8.40 3.24 -1.95
CA ALA A 60 9.73 3.81 -2.17
C ALA A 60 9.69 5.34 -2.24
N ARG A 61 8.75 5.85 -3.02
CA ARG A 61 8.53 7.28 -3.15
C ARG A 61 8.10 7.94 -1.85
N SER A 62 7.40 7.22 -0.99
CA SER A 62 6.89 7.77 0.27
C SER A 62 8.00 7.77 1.32
N LYS A 63 8.89 6.80 1.21
CA LYS A 63 10.02 6.69 2.12
C LYS A 63 11.03 7.78 1.84
N GLN A 64 11.21 8.15 0.57
CA GLN A 64 12.15 9.21 0.26
C GLN A 64 11.65 10.52 0.86
N LEU A 65 10.34 10.73 0.83
CA LEU A 65 9.76 12.02 1.27
C LEU A 65 9.95 12.29 2.75
N LYS A 66 10.16 11.23 3.53
CA LYS A 66 10.60 11.35 4.93
C LYS A 66 12.06 11.86 5.07
N GLN A 67 12.60 12.37 3.97
CA GLN A 67 13.91 13.01 3.95
C GLN A 67 13.80 14.36 3.26
N LEU A 71 14.43 19.45 4.40
CA LEU A 71 15.49 19.86 3.47
C LEU A 71 15.01 20.91 2.46
N GLU A 72 15.72 22.03 2.41
CA GLU A 72 15.25 23.23 1.70
C GLU A 72 15.31 23.21 0.16
N ASN A 73 16.41 22.72 -0.40
CA ASN A 73 16.61 22.70 -1.86
C ASN A 73 16.76 21.28 -2.44
N ILE A 74 15.82 20.90 -3.30
CA ILE A 74 15.69 19.53 -3.80
C ILE A 74 15.38 19.56 -5.27
N ILE A 75 15.81 18.51 -5.98
CA ILE A 75 15.34 18.21 -7.32
C ILE A 75 14.75 16.81 -7.32
N PHE A 76 13.51 16.69 -7.74
CA PHE A 76 12.83 15.39 -7.84
C PHE A 76 12.79 14.85 -9.27
N ASP A 77 13.52 13.78 -9.52
CA ASP A 77 13.40 13.07 -10.78
C ASP A 77 12.20 12.11 -10.68
N ARG A 78 11.03 12.59 -11.10
CA ARG A 78 9.73 11.91 -10.98
C ARG A 78 9.15 12.22 -9.61
N THR A 79 7.83 12.37 -9.54
CA THR A 79 7.16 12.58 -8.26
C THR A 79 6.08 11.55 -8.00
N LEU A 80 5.46 11.66 -6.82
CA LEU A 80 4.36 10.78 -6.44
C LEU A 80 3.10 11.04 -7.26
N LEU A 81 3.07 12.14 -8.00
CA LEU A 81 1.96 12.45 -8.92
C LEU A 81 1.91 11.52 -10.11
N GLU A 82 3.09 11.06 -10.51
CA GLU A 82 3.26 10.38 -11.78
C GLU A 82 3.03 8.89 -11.65
N ASP A 83 3.19 8.39 -10.44
CA ASP A 83 2.98 6.99 -10.15
C ASP A 83 1.58 6.45 -10.53
N PRO A 84 0.49 7.11 -10.09
CA PRO A 84 -0.83 6.67 -10.54
C PRO A 84 -1.04 6.65 -12.05
N ILE A 85 -0.24 7.44 -12.77
CA ILE A 85 -0.26 7.46 -14.24
C ILE A 85 0.09 6.08 -14.81
N PHE A 86 1.12 5.46 -14.23
CA PHE A 86 1.53 4.12 -14.64
C PHE A 86 0.48 3.05 -14.39
N MET A 87 -0.23 3.15 -13.27
CA MET A 87 -1.30 2.22 -12.97
C MET A 87 -2.49 2.36 -13.93
N LYS A 88 -2.79 3.60 -14.32
CA LYS A 88 -3.89 3.87 -15.24
C LYS A 88 -3.58 3.33 -16.64
N VAL A 89 -2.33 3.48 -17.07
CA VAL A 89 -1.88 2.96 -18.36
C VAL A 89 -2.16 1.46 -18.45
N ASN A 90 -1.75 0.72 -17.42
CA ASN A 90 -1.93 -0.71 -17.40
C ASN A 90 -3.39 -1.15 -17.31
N TYR A 91 -4.21 -0.27 -16.74
CA TYR A 91 -5.64 -0.48 -16.65
C TYR A 91 -6.35 -0.33 -18.00
N ASP A 92 -6.05 0.76 -18.73
CA ASP A 92 -6.62 0.99 -20.04
C ASP A 92 -6.21 -0.12 -21.00
N LEU A 93 -5.05 -0.70 -20.74
CA LEU A 93 -4.54 -1.81 -21.53
C LEU A 93 -5.05 -3.18 -21.08
N ASN A 94 -5.96 -3.22 -20.10
CA ASN A 94 -6.47 -4.49 -19.52
C ASN A 94 -5.37 -5.40 -18.93
N ASN A 95 -4.35 -4.75 -18.36
CA ASN A 95 -3.21 -5.46 -17.74
C ASN A 95 -3.31 -5.56 -16.23
N VAL A 96 -4.36 -4.96 -15.69
CA VAL A 96 -4.71 -5.01 -14.27
C VAL A 96 -6.22 -4.81 -14.26
N ASP A 97 -6.96 -5.74 -13.68
CA ASP A 97 -8.43 -5.65 -13.75
C ASP A 97 -8.98 -4.47 -12.93
N GLN A 98 -10.28 -4.22 -13.07
CA GLN A 98 -11.00 -3.16 -12.37
C GLN A 98 -10.78 -3.18 -10.86
N THR A 99 -11.04 -4.33 -10.24
CA THR A 99 -10.83 -4.53 -8.81
C THR A 99 -9.44 -4.05 -8.39
N ASP A 100 -8.40 -4.64 -8.95
CA ASP A 100 -7.01 -4.30 -8.62
C ASP A 100 -6.69 -2.83 -8.86
N TYR A 101 -7.38 -2.19 -9.80
CA TYR A 101 -7.20 -0.76 -10.05
C TYR A 101 -7.89 0.07 -8.97
N ASN A 102 -9.09 -0.35 -8.59
CA ASN A 102 -9.86 0.30 -7.56
C ASN A 102 -9.13 0.26 -6.23
N THR A 103 -8.46 -0.86 -5.96
CA THR A 103 -7.71 -1.06 -4.73
C THR A 103 -6.59 -0.01 -4.61
N TYR A 104 -5.85 0.16 -5.69
CA TYR A 104 -4.74 1.11 -5.78
C TYR A 104 -5.18 2.57 -5.63
N ILE A 105 -6.12 2.99 -6.45
CA ILE A 105 -6.62 4.35 -6.41
C ILE A 105 -7.19 4.68 -5.03
N ASP A 106 -8.07 3.82 -4.54
CA ASP A 106 -8.64 3.92 -3.20
C ASP A 106 -7.50 4.12 -2.19
N PHE A 107 -6.62 3.13 -2.16
CA PHE A 107 -5.36 3.14 -1.44
C PHE A 107 -4.59 4.46 -1.60
N TYR A 108 -4.13 4.74 -2.82
CA TYR A 108 -3.36 5.94 -3.12
C TYR A 108 -3.85 7.19 -2.40
N ASN A 109 -5.16 7.41 -2.34
CA ASN A 109 -5.69 8.62 -1.71
C ASN A 109 -5.91 8.53 -0.19
N ASN A 110 -6.35 7.37 0.27
CA ASN A 110 -6.77 7.27 1.66
C ASN A 110 -5.74 6.59 2.55
N VAL A 111 -4.67 6.10 1.93
CA VAL A 111 -3.51 5.56 2.64
C VAL A 111 -2.29 6.46 2.33
N VAL A 112 -1.93 6.58 1.05
CA VAL A 112 -0.67 7.26 0.68
C VAL A 112 -0.64 8.78 0.86
N LEU A 113 -1.47 9.53 0.13
CA LEU A 113 -1.55 10.99 0.33
C LEU A 113 -1.72 11.37 1.80
N LEU A 123 5.24 18.17 -0.01
CA LEU A 123 4.64 17.74 -1.29
C LEU A 123 4.32 18.96 -2.17
N SER A 124 4.94 20.09 -1.83
CA SER A 124 4.65 21.40 -2.40
C SER A 124 5.79 21.95 -3.26
N PHE A 125 5.81 21.58 -4.54
CA PHE A 125 6.86 22.00 -5.47
C PHE A 125 6.74 23.43 -5.92
N ASP A 126 7.88 24.11 -5.96
CA ASP A 126 7.97 25.46 -6.47
C ASP A 126 7.78 25.46 -7.97
N ILE A 127 8.12 24.36 -8.63
CA ILE A 127 7.97 24.23 -10.07
C ILE A 127 7.85 22.76 -10.48
N VAL A 128 7.02 22.48 -11.48
CA VAL A 128 6.97 21.14 -12.01
C VAL A 128 7.34 21.26 -13.48
N ILE A 129 8.53 20.77 -13.82
CA ILE A 129 9.04 20.94 -15.15
C ILE A 129 8.62 19.74 -16.01
N TYR A 130 7.71 19.98 -16.95
CA TYR A 130 7.23 18.92 -17.81
C TYR A 130 8.08 18.78 -19.06
N LEU A 131 8.94 17.76 -19.08
CA LEU A 131 9.72 17.45 -20.28
C LEU A 131 8.85 16.79 -21.33
N ARG A 132 8.17 17.63 -22.10
CA ARG A 132 7.27 17.23 -23.17
C ARG A 132 8.02 16.69 -24.38
N VAL A 133 7.60 15.52 -24.84
CA VAL A 133 8.33 14.76 -25.86
C VAL A 133 7.40 13.82 -26.61
N SER A 134 7.67 13.65 -27.90
CA SER A 134 6.94 12.72 -28.74
C SER A 134 7.37 11.31 -28.38
N THR A 135 6.52 10.32 -28.67
CA THR A 135 6.85 8.95 -28.34
C THR A 135 8.03 8.42 -29.16
N LYS A 136 8.15 8.82 -30.43
CA LYS A 136 9.30 8.42 -31.25
C LYS A 136 10.63 8.76 -30.56
N THR A 137 10.83 10.03 -30.22
CA THR A 137 12.05 10.46 -29.53
C THR A 137 12.30 9.63 -28.24
N ALA A 138 11.30 9.62 -27.34
CA ALA A 138 11.35 8.79 -26.13
C ALA A 138 11.74 7.33 -26.40
N ILE A 139 11.07 6.69 -27.35
CA ILE A 139 11.43 5.33 -27.79
C ILE A 139 12.90 5.20 -28.20
N SER A 140 13.41 6.15 -28.99
CA SER A 140 14.82 6.10 -29.40
C SER A 140 15.78 6.45 -28.27
N ARG A 141 15.33 7.33 -27.38
CA ARG A 141 16.09 7.63 -26.16
C ARG A 141 16.14 6.48 -25.15
N ILE A 142 15.10 5.65 -25.12
CA ILE A 142 15.10 4.44 -24.30
C ILE A 142 16.07 3.48 -24.96
N LYS A 143 15.97 3.43 -26.29
CA LYS A 143 16.77 2.55 -27.15
C LYS A 143 18.25 2.79 -26.98
N LYS A 144 18.66 4.05 -26.80
CA LYS A 144 20.08 4.33 -26.62
C LYS A 144 20.52 4.53 -25.16
N ARG A 145 19.59 4.90 -24.29
CA ARG A 145 19.97 5.41 -22.97
C ARG A 145 19.23 4.80 -21.76
N GLY A 146 18.23 3.96 -22.02
CA GLY A 146 17.48 3.28 -20.95
C GLY A 146 18.24 2.09 -20.39
N ARG A 147 17.74 0.88 -20.66
CA ARG A 147 18.34 -0.42 -20.26
C ARG A 147 17.69 -1.58 -21.01
N SER A 148 18.24 -2.78 -20.88
CA SER A 148 17.75 -3.95 -21.62
C SER A 148 16.28 -4.29 -21.35
N GLU A 149 15.86 -4.13 -20.09
CA GLU A 149 14.49 -4.45 -19.65
C GLU A 149 13.40 -3.65 -20.38
N GLU A 150 13.68 -2.36 -20.61
CA GLU A 150 12.72 -1.45 -21.23
C GLU A 150 12.59 -1.69 -22.73
N LEU A 151 13.50 -2.49 -23.28
CA LEU A 151 13.48 -2.88 -24.68
C LEU A 151 12.51 -4.03 -24.93
N LEU A 152 12.19 -4.77 -23.87
CA LEU A 152 11.43 -6.03 -23.98
C LEU A 152 9.96 -5.87 -24.41
N ILE A 153 9.22 -4.95 -23.77
CA ILE A 153 7.79 -4.74 -24.11
C ILE A 153 7.55 -3.99 -25.42
N GLY A 154 6.40 -4.27 -26.04
CA GLY A 154 5.98 -3.61 -27.28
C GLY A 154 5.86 -2.11 -27.13
N GLU A 155 5.79 -1.41 -28.26
CA GLU A 155 5.77 0.05 -28.24
C GLU A 155 4.42 0.68 -27.89
N GLU A 156 3.32 -0.05 -28.08
CA GLU A 156 1.99 0.47 -27.76
C GLU A 156 1.97 0.95 -26.32
N TYR A 157 2.66 0.23 -25.45
CA TYR A 157 2.81 0.62 -24.05
C TYR A 157 3.36 2.05 -23.92
N TRP A 158 4.40 2.37 -24.72
CA TRP A 158 5.02 3.70 -24.62
C TRP A 158 4.14 4.83 -25.16
N GLU A 159 3.31 4.47 -26.15
CA GLU A 159 2.37 5.41 -26.75
C GLU A 159 1.21 5.77 -25.81
N THR A 160 0.72 4.80 -25.04
CA THR A 160 -0.38 5.02 -24.11
C THR A 160 0.12 5.79 -22.89
N LEU A 161 1.29 5.39 -22.39
CA LEU A 161 1.98 6.10 -21.32
C LEU A 161 2.15 7.57 -21.67
N ASN A 162 2.69 7.85 -22.84
CA ASN A 162 2.90 9.23 -23.28
C ASN A 162 1.58 9.98 -23.42
N LYS A 163 0.62 9.39 -24.12
CA LYS A 163 -0.76 9.92 -24.17
C LYS A 163 -1.32 10.21 -22.78
N ASN A 164 -1.10 9.31 -21.83
CA ASN A 164 -1.56 9.51 -20.46
C ASN A 164 -0.84 10.61 -19.68
N TYR A 165 0.42 10.86 -20.01
CA TYR A 165 1.15 12.01 -19.46
C TYR A 165 0.56 13.36 -19.91
N GLU A 166 0.24 13.47 -21.20
CA GLU A 166 -0.38 14.68 -21.74
C GLU A 166 -1.71 14.91 -21.04
N GLU A 167 -2.57 13.88 -21.08
CA GLU A 167 -3.84 13.81 -20.34
C GLU A 167 -3.73 14.33 -18.89
N PHE A 168 -2.70 13.87 -18.17
CA PHE A 168 -2.48 14.30 -16.80
C PHE A 168 -2.10 15.78 -16.71
N TYR A 169 -1.19 16.20 -17.58
CA TYR A 169 -0.80 17.61 -17.63
C TYR A 169 -2.03 18.47 -17.90
N LYS A 170 -2.84 18.05 -18.88
CA LYS A 170 -4.02 18.79 -19.28
C LYS A 170 -5.15 18.85 -18.24
N GLN A 171 -5.28 17.82 -17.39
CA GLN A 171 -6.26 17.86 -16.30
C GLN A 171 -5.77 18.71 -15.14
N ASN A 172 -4.46 18.73 -14.91
CA ASN A 172 -3.91 19.35 -13.71
C ASN A 172 -3.12 20.65 -13.96
N VAL A 173 -3.22 21.17 -15.17
CA VAL A 173 -2.42 22.31 -15.62
C VAL A 173 -2.52 23.52 -14.67
N TYR A 174 -3.72 23.72 -14.13
CA TYR A 174 -4.03 24.87 -13.31
C TYR A 174 -3.72 24.65 -11.83
N ASP A 175 -3.50 23.39 -11.44
CA ASP A 175 -3.35 23.03 -10.02
C ASP A 175 -1.90 22.92 -9.53
N PHE A 176 -0.96 22.85 -10.47
CA PHE A 176 0.47 22.73 -10.15
C PHE A 176 1.25 23.77 -10.95
N PRO A 177 2.38 24.28 -10.39
CA PRO A 177 3.07 25.35 -11.10
C PRO A 177 3.91 24.75 -12.24
N PHE A 178 3.19 24.21 -13.23
CA PHE A 178 3.74 23.56 -14.39
C PHE A 178 4.55 24.51 -15.27
N PHE A 179 5.66 24.01 -15.80
CA PHE A 179 6.44 24.72 -16.79
C PHE A 179 6.87 23.73 -17.86
N VAL A 180 6.38 23.95 -19.07
CA VAL A 180 6.61 23.02 -20.17
C VAL A 180 7.90 23.34 -20.93
N VAL A 181 8.72 22.30 -21.07
CA VAL A 181 9.93 22.34 -21.83
C VAL A 181 9.82 21.41 -23.04
N ASP A 182 10.06 21.95 -24.23
CA ASP A 182 10.11 21.15 -25.43
C ASP A 182 11.30 20.21 -25.30
N ALA A 183 11.03 18.95 -24.98
CA ALA A 183 12.11 18.02 -24.73
C ALA A 183 12.76 17.50 -26.02
N GLU A 184 12.23 17.93 -27.17
CA GLU A 184 12.81 17.61 -28.48
C GLU A 184 14.07 18.42 -28.71
N LEU A 185 14.17 19.57 -28.06
CA LEU A 185 15.32 20.48 -28.18
C LEU A 185 16.64 19.87 -27.66
N ASP A 186 17.78 20.48 -28.02
CA ASP A 186 19.10 20.11 -27.50
C ASP A 186 19.12 20.28 -25.98
N VAL A 187 19.83 19.39 -25.29
CA VAL A 187 19.98 19.44 -23.83
C VAL A 187 20.45 20.82 -23.38
N LYS A 188 21.42 21.40 -24.09
CA LYS A 188 21.99 22.70 -23.72
C LYS A 188 20.91 23.78 -23.71
N THR A 189 20.02 23.72 -24.70
CA THR A 189 18.97 24.70 -24.88
C THR A 189 17.85 24.50 -23.85
N GLN A 190 17.58 23.25 -23.52
CA GLN A 190 16.64 22.93 -22.48
C GLN A 190 17.11 23.47 -21.14
N ILE A 191 18.34 23.16 -20.76
CA ILE A 191 18.95 23.70 -19.54
C ILE A 191 18.91 25.23 -19.49
N GLU A 192 19.29 25.87 -20.60
CA GLU A 192 19.22 27.32 -20.73
C GLU A 192 17.82 27.85 -20.38
N LEU A 193 16.79 27.20 -20.94
CA LEU A 193 15.39 27.57 -20.69
C LEU A 193 14.96 27.34 -19.22
N ILE A 194 15.46 26.28 -18.62
CA ILE A 194 15.11 25.95 -17.24
C ILE A 194 15.79 26.93 -16.28
N MET A 195 17.05 27.23 -16.53
CA MET A 195 17.78 28.15 -15.66
C MET A 195 17.19 29.56 -15.61
N ASN A 196 16.67 30.03 -16.74
CA ASN A 196 16.08 31.36 -16.83
C ASN A 196 14.75 31.45 -16.11
N LYS A 197 13.96 30.38 -16.21
CA LYS A 197 12.71 30.30 -15.47
C LYS A 197 12.99 30.24 -13.97
N LEU A 198 13.95 29.40 -13.58
CA LEU A 198 14.36 29.30 -12.17
C LEU A 198 14.87 30.63 -11.63
N ASN A 199 15.69 31.33 -12.43
CA ASN A 199 16.25 32.60 -11.99
C ASN A 199 15.18 33.64 -11.75
N SER A 200 14.07 33.53 -12.49
CA SER A 200 13.02 34.53 -12.42
C SER A 200 11.97 34.25 -11.33
N ILE A 201 12.16 33.13 -10.61
CA ILE A 201 11.42 32.85 -9.37
C ILE A 201 12.34 33.07 -8.16
N LYS A 202 13.55 32.50 -8.20
CA LYS A 202 14.57 32.63 -7.14
C LYS A 202 14.73 34.03 -6.51
N MET B 1 -13.21 5.46 25.80
CA MET B 1 -12.93 4.01 25.97
C MET B 1 -12.79 3.26 24.62
N LYS B 2 -11.57 2.85 24.29
CA LYS B 2 -11.31 2.17 23.01
C LYS B 2 -10.86 0.74 23.22
N ILE B 3 -11.63 -0.18 22.68
CA ILE B 3 -11.44 -1.59 22.96
C ILE B 3 -11.09 -2.30 21.66
N ALA B 4 -9.88 -2.85 21.61
CA ALA B 4 -9.49 -3.72 20.53
C ALA B 4 -9.87 -5.13 20.91
N ILE B 5 -10.40 -5.89 19.95
CA ILE B 5 -10.65 -7.32 20.15
C ILE B 5 -9.73 -8.12 19.24
N PHE B 6 -9.05 -9.09 19.84
CA PHE B 6 -7.82 -9.61 19.25
C PHE B 6 -7.78 -11.14 19.26
N GLY B 7 -7.61 -11.74 18.09
CA GLY B 7 -7.41 -13.19 18.03
C GLY B 7 -7.60 -13.76 16.64
N THR B 8 -7.30 -15.05 16.50
CA THR B 8 -7.35 -15.72 15.20
C THR B 8 -8.78 -15.87 14.63
N VAL B 9 -8.87 -16.41 13.41
CA VAL B 9 -10.16 -16.71 12.76
C VAL B 9 -10.98 -17.74 13.57
N GLY B 10 -12.21 -17.38 13.91
CA GLY B 10 -13.09 -18.26 14.66
C GLY B 10 -12.84 -18.26 16.17
N ALA B 11 -12.09 -17.27 16.66
CA ALA B 11 -11.92 -17.08 18.13
C ALA B 11 -13.24 -16.62 18.76
N GLY B 12 -14.00 -15.83 18.00
CA GLY B 12 -15.30 -15.38 18.45
C GLY B 12 -15.29 -13.90 18.70
N LYS B 13 -14.52 -13.17 17.88
CA LYS B 13 -14.44 -11.71 17.97
C LYS B 13 -15.75 -11.02 17.64
N SER B 14 -16.38 -11.42 16.53
CA SER B 14 -17.65 -10.81 16.18
C SER B 14 -18.71 -11.07 17.25
N THR B 15 -18.74 -12.29 17.78
CA THR B 15 -19.67 -12.66 18.87
C THR B 15 -19.41 -11.86 20.13
N ILE B 16 -18.16 -11.89 20.61
CA ILE B 16 -17.79 -11.12 21.80
C ILE B 16 -18.03 -9.61 21.65
N SER B 17 -17.64 -9.04 20.51
CA SER B 17 -17.73 -7.61 20.33
C SER B 17 -19.19 -7.16 20.20
N ALA B 18 -20.00 -7.97 19.54
CA ALA B 18 -21.45 -7.72 19.44
C ALA B 18 -22.12 -7.73 20.82
N GLU B 19 -21.59 -8.57 21.70
CA GLU B 19 -22.08 -8.66 23.07
C GLU B 19 -21.65 -7.46 23.91
N ILE B 20 -20.37 -7.12 23.87
CA ILE B 20 -19.87 -5.91 24.54
C ILE B 20 -20.70 -4.72 24.09
N SER B 21 -20.94 -4.64 22.78
CA SER B 21 -21.64 -3.52 22.19
C SER B 21 -23.00 -3.33 22.86
N LYS B 22 -23.78 -4.41 22.91
CA LYS B 22 -25.11 -4.42 23.53
C LYS B 22 -25.07 -3.93 24.95
N LYS B 23 -24.03 -4.34 25.68
CA LYS B 23 -23.87 -3.96 27.07
C LYS B 23 -23.43 -2.51 27.26
N LEU B 24 -22.52 -2.02 26.44
CA LEU B 24 -22.00 -0.66 26.62
C LEU B 24 -22.67 0.38 25.77
N GLY B 25 -23.03 0.02 24.54
CA GLY B 25 -23.66 0.97 23.61
C GLY B 25 -22.68 1.59 22.64
N TYR B 26 -21.58 0.89 22.40
CA TYR B 26 -20.56 1.37 21.47
C TYR B 26 -20.68 0.70 20.10
N GLU B 27 -20.22 1.43 19.09
CA GLU B 27 -20.17 0.89 17.74
C GLU B 27 -18.99 -0.06 17.52
N ILE B 28 -19.15 -0.95 16.56
CA ILE B 28 -18.12 -1.92 16.21
C ILE B 28 -17.43 -1.55 14.92
N PHE B 29 -16.10 -1.48 14.94
CA PHE B 29 -15.37 -1.45 13.69
C PHE B 29 -15.03 -2.83 13.12
N LYS B 30 -15.71 -3.13 12.02
CA LYS B 30 -15.79 -4.46 11.49
C LYS B 30 -15.60 -4.36 9.99
N GLU B 31 -14.37 -4.62 9.54
CA GLU B 31 -14.10 -4.79 8.10
C GLU B 31 -14.90 -5.99 7.56
N PRO B 32 -16.01 -5.70 6.88
CA PRO B 32 -16.96 -6.76 6.59
C PRO B 32 -16.46 -7.60 5.44
N VAL B 33 -16.34 -8.89 5.70
CA VAL B 33 -15.89 -9.87 4.73
C VAL B 33 -16.74 -9.88 3.45
N GLU B 34 -18.00 -9.50 3.57
CA GLU B 34 -18.96 -9.54 2.47
C GLU B 34 -18.74 -8.42 1.44
N GLU B 35 -17.94 -7.42 1.80
CA GLU B 35 -17.62 -6.31 0.91
C GLU B 35 -16.23 -6.45 0.29
N ASN B 36 -15.38 -7.25 0.93
CA ASN B 36 -14.06 -7.54 0.38
C ASN B 36 -14.13 -8.35 -0.93
N PRO B 37 -13.78 -7.71 -2.07
CA PRO B 37 -13.96 -8.33 -3.37
C PRO B 37 -12.89 -9.37 -3.72
N TYR B 38 -11.93 -9.59 -2.83
CA TYR B 38 -10.86 -10.55 -3.05
C TYR B 38 -11.17 -11.88 -2.39
N PHE B 39 -12.02 -11.82 -1.37
CA PHE B 39 -12.28 -12.91 -0.44
C PHE B 39 -12.73 -14.21 -1.10
N GLU B 40 -13.56 -14.09 -2.12
CA GLU B 40 -14.18 -15.24 -2.75
C GLU B 40 -13.16 -16.14 -3.44
N GLN B 41 -12.17 -15.55 -4.12
CA GLN B 41 -11.13 -16.33 -4.81
C GLN B 41 -9.94 -16.59 -3.91
N TYR B 42 -9.89 -15.84 -2.82
CA TYR B 42 -8.72 -15.77 -1.93
C TYR B 42 -8.14 -17.12 -1.56
N TYR B 43 -8.95 -17.96 -0.91
CA TYR B 43 -8.51 -19.26 -0.42
C TYR B 43 -8.28 -20.33 -1.49
N LYS B 44 -8.94 -20.17 -2.64
CA LYS B 44 -8.85 -21.10 -3.76
C LYS B 44 -7.45 -21.19 -4.35
N ASP B 45 -6.65 -20.15 -4.12
CA ASP B 45 -5.33 -20.02 -4.74
C ASP B 45 -4.53 -18.94 -4.02
N LEU B 46 -3.97 -19.31 -2.87
CA LEU B 46 -3.28 -18.38 -1.98
C LEU B 46 -2.09 -17.64 -2.59
N LYS B 47 -1.24 -18.36 -3.33
CA LYS B 47 -0.07 -17.73 -3.98
C LYS B 47 -0.45 -16.50 -4.79
N LYS B 48 -1.43 -16.63 -5.69
CA LYS B 48 -1.90 -15.51 -6.54
C LYS B 48 -2.57 -14.34 -5.79
N THR B 49 -3.37 -14.66 -4.77
CA THR B 49 -4.31 -13.67 -4.20
C THR B 49 -3.82 -12.91 -2.96
N VAL B 50 -3.08 -13.61 -2.10
CA VAL B 50 -2.66 -13.09 -0.80
C VAL B 50 -2.07 -11.66 -0.80
N PHE B 51 -1.03 -11.42 -1.60
CA PHE B 51 -0.39 -10.11 -1.60
C PHE B 51 -1.43 -9.02 -1.77
N LYS B 52 -2.11 -9.04 -2.92
CA LYS B 52 -3.20 -8.10 -3.20
C LYS B 52 -4.20 -8.00 -2.05
N MET B 53 -4.63 -9.15 -1.54
CA MET B 53 -5.58 -9.21 -0.43
C MET B 53 -5.07 -8.45 0.79
N GLN B 54 -3.84 -8.74 1.20
CA GLN B 54 -3.22 -8.11 2.36
C GLN B 54 -3.05 -6.60 2.21
N ILE B 55 -2.91 -6.15 0.98
CA ILE B 55 -2.82 -4.74 0.64
C ILE B 55 -4.19 -4.10 0.79
N TYR B 56 -5.21 -4.79 0.26
CA TYR B 56 -6.59 -4.32 0.36
C TYR B 56 -6.97 -4.13 1.82
N MET B 57 -6.41 -4.98 2.67
CA MET B 57 -6.78 -5.00 4.05
C MET B 57 -6.22 -3.79 4.77
N LEU B 58 -4.95 -3.48 4.55
CA LEU B 58 -4.36 -2.29 5.15
C LEU B 58 -5.11 -1.03 4.71
N THR B 59 -5.37 -0.89 3.41
CA THR B 59 -6.21 0.18 2.84
C THR B 59 -7.54 0.33 3.56
N ALA B 60 -8.23 -0.80 3.78
CA ALA B 60 -9.55 -0.82 4.40
C ALA B 60 -9.49 -0.44 5.89
N ARG B 61 -8.55 -1.06 6.59
CA ARG B 61 -8.30 -0.77 8.00
C ARG B 61 -7.85 0.67 8.26
N SER B 62 -7.14 1.26 7.29
CA SER B 62 -6.61 2.61 7.45
C SER B 62 -7.70 3.64 7.16
N LYS B 63 -8.61 3.26 6.27
CA LYS B 63 -9.72 4.13 5.91
C LYS B 63 -10.73 4.19 7.06
N GLN B 64 -10.92 3.09 7.78
CA GLN B 64 -11.85 3.12 8.90
C GLN B 64 -11.31 4.06 9.98
N LEU B 65 -9.99 4.07 10.18
CA LEU B 65 -9.38 4.86 11.26
C LEU B 65 -9.54 6.37 11.09
N LYS B 66 -9.76 6.80 9.85
CA LYS B 66 -10.18 8.19 9.57
C LYS B 66 -11.63 8.49 10.02
N GLN B 67 -12.28 7.54 10.70
CA GLN B 67 -13.62 7.76 11.20
C GLN B 67 -13.70 7.39 12.68
N ALA B 68 -12.80 6.49 13.08
CA ALA B 68 -12.72 5.98 14.45
C ALA B 68 -12.16 7.00 15.43
N LYS B 69 -11.30 7.89 14.97
CA LYS B 69 -10.64 8.86 15.85
C LYS B 69 -11.56 10.04 16.22
N ASN B 70 -12.69 10.13 15.52
CA ASN B 70 -13.72 11.14 15.82
C ASN B 70 -14.51 10.82 17.10
N LEU B 71 -14.46 9.56 17.55
CA LEU B 71 -15.40 9.05 18.56
C LEU B 71 -14.76 8.57 19.86
N GLU B 72 -15.28 9.06 20.98
CA GLU B 72 -14.78 8.67 22.30
C GLU B 72 -14.78 7.16 22.52
N ASN B 73 -15.85 6.49 22.09
CA ASN B 73 -16.08 5.09 22.47
C ASN B 73 -16.26 4.13 21.28
N ILE B 74 -15.33 3.18 21.17
CA ILE B 74 -15.25 2.30 20.01
C ILE B 74 -14.95 0.90 20.46
N ILE B 75 -15.41 -0.08 19.67
CA ILE B 75 -14.96 -1.45 19.76
C ILE B 75 -14.42 -1.87 18.40
N PHE B 76 -13.17 -2.33 18.39
CA PHE B 76 -12.53 -2.82 17.17
C PHE B 76 -12.50 -4.34 17.08
N ASP B 77 -13.26 -4.88 16.13
CA ASP B 77 -13.17 -6.29 15.82
C ASP B 77 -11.98 -6.50 14.85
N ARG B 78 -10.81 -6.80 15.43
CA ARG B 78 -9.53 -6.89 14.72
C ARG B 78 -8.92 -5.51 14.60
N THR B 79 -7.60 -5.42 14.72
CA THR B 79 -6.90 -4.15 14.53
C THR B 79 -5.85 -4.21 13.46
N LEU B 80 -5.20 -3.07 13.22
CA LEU B 80 -4.13 -2.98 12.25
C LEU B 80 -2.87 -3.72 12.71
N LEU B 81 -2.83 -4.10 13.99
CA LEU B 81 -1.72 -4.90 14.53
C LEU B 81 -1.72 -6.33 13.99
N GLU B 82 -2.91 -6.82 13.68
CA GLU B 82 -3.09 -8.23 13.40
C GLU B 82 -2.90 -8.54 11.93
N ASP B 83 -3.04 -7.51 11.11
CA ASP B 83 -2.87 -7.66 9.67
C ASP B 83 -1.48 -8.20 9.26
N PRO B 84 -0.37 -7.61 9.75
CA PRO B 84 0.95 -8.19 9.43
C PRO B 84 1.13 -9.66 9.85
N ILE B 85 0.34 -10.09 10.83
CA ILE B 85 0.33 -11.49 11.27
C ILE B 85 -0.05 -12.43 10.12
N PHE B 86 -1.09 -12.04 9.38
CA PHE B 86 -1.54 -12.81 8.21
C PHE B 86 -0.49 -12.90 7.11
N MET B 87 0.23 -11.81 6.87
CA MET B 87 1.30 -11.82 5.88
C MET B 87 2.47 -12.72 6.28
N LYS B 88 2.79 -12.74 7.57
CA LYS B 88 3.88 -13.56 8.08
C LYS B 88 3.54 -15.05 7.97
N VAL B 89 2.28 -15.39 8.25
CA VAL B 89 1.81 -16.77 8.13
C VAL B 89 2.06 -17.30 6.72
N ASN B 90 1.65 -16.52 5.73
CA ASN B 90 1.81 -16.92 4.35
C ASN B 90 3.26 -16.99 3.89
N TYR B 91 4.10 -16.19 4.54
CA TYR B 91 5.53 -16.20 4.30
C TYR B 91 6.23 -17.47 4.83
N ASP B 92 5.92 -17.84 6.08
CA ASP B 92 6.49 -19.05 6.68
C ASP B 92 6.04 -20.27 5.90
N LEU B 93 4.87 -20.17 5.29
CA LEU B 93 4.34 -21.25 4.47
C LEU B 93 4.82 -21.22 3.01
N ASN B 94 5.75 -20.31 2.68
CA ASN B 94 6.25 -20.14 1.30
C ASN B 94 5.13 -19.81 0.28
N ASN B 95 4.13 -19.06 0.72
CA ASN B 95 2.99 -18.66 -0.11
C ASN B 95 3.12 -17.23 -0.65
N VAL B 96 4.19 -16.55 -0.24
CA VAL B 96 4.54 -15.23 -0.71
C VAL B 96 6.06 -15.20 -0.54
N ASP B 97 6.80 -14.92 -1.61
CA ASP B 97 8.25 -14.98 -1.53
C ASP B 97 8.84 -13.87 -0.64
N GLN B 98 10.15 -13.95 -0.38
CA GLN B 98 10.89 -12.98 0.43
C GLN B 98 10.69 -11.55 -0.03
N THR B 99 10.95 -11.29 -1.32
CA THR B 99 10.76 -9.97 -1.92
C THR B 99 9.38 -9.41 -1.56
N ASP B 100 8.32 -10.10 -1.96
CA ASP B 100 6.94 -9.65 -1.71
C ASP B 100 6.64 -9.45 -0.23
N TYR B 101 7.33 -10.18 0.64
CA TYR B 101 7.18 -10.00 2.10
C TYR B 101 7.90 -8.74 2.57
N ASN B 102 9.09 -8.52 2.03
CA ASN B 102 9.89 -7.36 2.35
C ASN B 102 9.17 -6.09 1.94
N THR B 103 8.49 -6.14 0.80
CA THR B 103 7.76 -5.01 0.26
C THR B 103 6.66 -4.56 1.24
N TYR B 104 5.90 -5.54 1.73
CA TYR B 104 4.80 -5.32 2.67
C TYR B 104 5.27 -4.76 4.02
N ILE B 105 6.22 -5.45 4.65
CA ILE B 105 6.73 -5.02 5.93
C ILE B 105 7.33 -3.61 5.84
N ASP B 106 8.21 -3.41 4.85
CA ASP B 106 8.80 -2.12 4.56
C ASP B 106 7.68 -1.08 4.48
N PHE B 107 6.78 -1.31 3.54
CA PHE B 107 5.53 -0.60 3.34
C PHE B 107 4.78 -0.35 4.66
N TYR B 108 4.32 -1.44 5.30
CA TYR B 108 3.56 -1.35 6.54
C TYR B 108 4.08 -0.31 7.53
N ASN B 109 5.40 -0.22 7.70
CA ASN B 109 5.96 0.73 8.67
C ASN B 109 6.20 2.15 8.14
N ASN B 110 6.62 2.25 6.89
CA ASN B 110 7.06 3.55 6.38
C ASN B 110 6.02 4.23 5.48
N VAL B 111 4.94 3.50 5.21
CA VAL B 111 3.78 4.04 4.50
C VAL B 111 2.58 4.03 5.46
N VAL B 112 2.19 2.85 5.96
CA VAL B 112 0.95 2.71 6.73
C VAL B 112 0.94 3.33 8.14
N LEU B 113 1.78 2.83 9.06
CA LEU B 113 1.90 3.45 10.40
C LEU B 113 2.10 4.97 10.33
N LEU B 123 -4.68 5.16 17.38
CA LEU B 123 -4.11 3.81 17.41
C LEU B 123 -3.75 3.42 18.86
N SER B 124 -4.40 4.10 19.80
CA SER B 124 -4.12 3.97 21.24
C SER B 124 -5.28 3.33 22.03
N PHE B 125 -5.34 2.00 22.04
CA PHE B 125 -6.40 1.26 22.73
C PHE B 125 -6.25 1.24 24.22
N ASP B 126 -7.38 1.43 24.90
CA ASP B 126 -7.46 1.32 26.34
C ASP B 126 -7.29 -0.12 26.79
N ILE B 127 -7.65 -1.05 25.92
CA ILE B 127 -7.53 -2.48 26.22
C ILE B 127 -7.44 -3.30 24.93
N VAL B 128 -6.63 -4.35 24.94
CA VAL B 128 -6.61 -5.25 23.81
C VAL B 128 -7.00 -6.61 24.35
N ILE B 129 -8.20 -7.05 24.00
CA ILE B 129 -8.73 -8.28 24.55
C ILE B 129 -8.35 -9.45 23.66
N TYR B 130 -7.44 -10.29 24.15
CA TYR B 130 -6.99 -11.44 23.37
C TYR B 130 -7.87 -12.66 23.62
N LEU B 131 -8.74 -12.96 22.66
CA LEU B 131 -9.55 -14.18 22.72
C LEU B 131 -8.71 -15.39 22.38
N ARG B 132 -8.02 -15.89 23.40
CA ARG B 132 -7.15 -17.05 23.32
C ARG B 132 -7.92 -18.35 23.17
N VAL B 133 -7.53 -19.15 22.17
CA VAL B 133 -8.28 -20.33 21.74
C VAL B 133 -7.38 -21.34 21.06
N SER B 134 -7.68 -22.61 21.28
CA SER B 134 -6.97 -23.70 20.61
C SER B 134 -7.43 -23.75 19.16
N THR B 135 -6.60 -24.34 18.30
CA THR B 135 -6.94 -24.42 16.89
C THR B 135 -8.15 -25.33 16.64
N LYS B 136 -8.28 -26.43 17.40
CA LYS B 136 -9.45 -27.31 17.27
C LYS B 136 -10.76 -26.52 17.40
N THR B 137 -10.94 -25.82 18.52
CA THR B 137 -12.15 -25.01 18.75
C THR B 137 -12.37 -24.01 17.59
N ALA B 138 -11.37 -23.19 17.30
CA ALA B 138 -11.43 -22.25 16.16
C ALA B 138 -11.84 -22.93 14.84
N ILE B 139 -11.19 -24.04 14.50
CA ILE B 139 -11.59 -24.85 13.34
C ILE B 139 -13.07 -25.26 13.35
N SER B 140 -13.58 -25.73 14.48
CA SER B 140 -14.99 -26.11 14.58
C SER B 140 -15.92 -24.90 14.59
N ARG B 141 -15.44 -23.80 15.18
CA ARG B 141 -16.18 -22.52 15.12
C ARG B 141 -16.24 -21.91 13.72
N ILE B 142 -15.26 -22.21 12.88
CA ILE B 142 -15.31 -21.81 11.47
C ILE B 142 -16.39 -22.64 10.76
N LYS B 143 -16.44 -23.94 11.09
CA LYS B 143 -17.45 -24.87 10.59
C LYS B 143 -18.85 -24.45 11.01
N LYS B 144 -19.01 -24.17 12.29
CA LYS B 144 -20.28 -23.70 12.84
C LYS B 144 -20.67 -22.28 12.37
N ARG B 145 -19.74 -21.32 12.46
CA ARG B 145 -20.11 -19.90 12.36
C ARG B 145 -19.36 -19.01 11.35
N GLY B 146 -18.32 -19.55 10.69
CA GLY B 146 -17.53 -18.79 9.71
C GLY B 146 -18.23 -18.51 8.38
N ARG B 147 -17.68 -19.04 7.28
CA ARG B 147 -18.18 -18.78 5.90
C ARG B 147 -17.82 -19.94 4.94
N SER B 148 -18.45 -19.96 3.76
CA SER B 148 -18.19 -20.99 2.75
C SER B 148 -16.70 -21.11 2.41
N GLU B 149 -16.06 -19.96 2.20
CA GLU B 149 -14.69 -19.87 1.66
C GLU B 149 -13.62 -20.34 2.62
N GLU B 150 -13.87 -20.17 3.92
CA GLU B 150 -12.91 -20.52 4.95
C GLU B 150 -12.81 -22.02 5.16
N LEU B 151 -13.74 -22.76 4.56
CA LEU B 151 -13.74 -24.22 4.61
C LEU B 151 -12.80 -24.80 3.57
N LEU B 152 -12.49 -24.01 2.54
CA LEU B 152 -11.75 -24.50 1.35
C LEU B 152 -10.29 -24.90 1.62
N ILE B 153 -9.53 -24.03 2.30
CA ILE B 153 -8.09 -24.32 2.58
C ILE B 153 -7.87 -25.36 3.68
N GLY B 154 -6.72 -26.05 3.58
CA GLY B 154 -6.31 -27.06 4.56
C GLY B 154 -6.15 -26.49 5.95
N GLU B 155 -6.09 -27.36 6.94
CA GLU B 155 -6.04 -26.92 8.34
C GLU B 155 -4.67 -26.43 8.82
N GLU B 156 -3.60 -26.84 8.16
CA GLU B 156 -2.25 -26.41 8.55
C GLU B 156 -2.19 -24.89 8.59
N TYR B 157 -2.88 -24.26 7.65
CA TYR B 157 -3.00 -22.81 7.61
C TYR B 157 -3.53 -22.26 8.95
N TRP B 158 -4.56 -22.89 9.51
CA TRP B 158 -5.16 -22.41 10.76
C TRP B 158 -4.27 -22.62 11.98
N GLU B 159 -3.46 -23.68 11.92
CA GLU B 159 -2.50 -24.01 12.97
C GLU B 159 -1.33 -23.02 13.04
N THR B 160 -0.84 -22.58 11.87
CA THR B 160 0.27 -21.64 11.81
C THR B 160 -0.21 -20.25 12.19
N LEU B 161 -1.38 -19.87 11.68
CA LEU B 161 -2.03 -18.61 12.06
C LEU B 161 -2.18 -18.52 13.57
N ASN B 162 -2.75 -19.55 14.18
CA ASN B 162 -2.93 -19.57 15.63
C ASN B 162 -1.59 -19.51 16.38
N LYS B 163 -0.65 -20.37 16.01
CA LYS B 163 0.74 -20.29 16.51
C LYS B 163 1.32 -18.88 16.38
N ASN B 164 1.10 -18.23 15.23
CA ASN B 164 1.58 -16.87 15.02
C ASN B 164 0.89 -15.80 15.86
N TYR B 165 -0.38 -16.02 16.21
CA TYR B 165 -1.08 -15.14 17.16
C TYR B 165 -0.46 -15.19 18.57
N GLU B 166 -0.16 -16.40 19.05
CA GLU B 166 0.47 -16.57 20.36
C GLU B 166 1.82 -15.86 20.35
N GLU B 167 2.66 -16.21 19.38
CA GLU B 167 3.94 -15.56 19.07
C GLU B 167 3.86 -14.02 19.15
N PHE B 168 2.82 -13.44 18.52
CA PHE B 168 2.64 -12.00 18.53
C PHE B 168 2.29 -11.48 19.92
N TYR B 169 1.38 -12.17 20.60
CA TYR B 169 1.01 -11.80 21.96
C TYR B 169 2.25 -11.83 22.84
N LYS B 170 3.04 -12.90 22.72
CA LYS B 170 4.23 -13.10 23.53
C LYS B 170 5.38 -12.09 23.26
N GLN B 171 5.49 -11.59 22.03
CA GLN B 171 6.49 -10.56 21.74
C GLN B 171 6.04 -9.19 22.21
N ASN B 172 4.73 -8.93 22.20
CA ASN B 172 4.20 -7.60 22.45
C ASN B 172 3.45 -7.44 23.76
N VAL B 173 3.54 -8.46 24.62
CA VAL B 173 2.74 -8.54 25.86
C VAL B 173 2.88 -7.28 26.73
N TYR B 174 4.08 -6.73 26.75
CA TYR B 174 4.43 -5.61 27.60
C TYR B 174 4.15 -4.26 26.96
N ASP B 175 3.90 -4.25 25.65
CA ASP B 175 3.77 -2.98 24.90
C ASP B 175 2.32 -2.53 24.67
N PHE B 176 1.37 -3.43 24.89
CA PHE B 176 -0.06 -3.13 24.71
C PHE B 176 -0.83 -3.58 25.94
N PRO B 177 -1.93 -2.87 26.28
CA PRO B 177 -2.62 -3.24 27.53
C PRO B 177 -3.49 -4.47 27.28
N PHE B 178 -2.80 -5.59 27.05
CA PHE B 178 -3.37 -6.89 26.77
C PHE B 178 -4.17 -7.43 27.95
N PHE B 179 -5.30 -8.08 27.64
CA PHE B 179 -6.08 -8.79 28.62
C PHE B 179 -6.54 -10.09 28.00
N VAL B 180 -6.06 -11.20 28.55
CA VAL B 180 -6.32 -12.51 27.98
C VAL B 180 -7.62 -13.12 28.52
N VAL B 181 -8.46 -13.55 27.58
CA VAL B 181 -9.70 -14.25 27.85
C VAL B 181 -9.62 -15.67 27.31
N ASP B 182 -9.85 -16.64 28.18
CA ASP B 182 -9.94 -18.03 27.76
C ASP B 182 -11.15 -18.15 26.85
N ALA B 183 -10.89 -18.21 25.54
CA ALA B 183 -11.99 -18.23 24.59
C ALA B 183 -12.66 -19.60 24.48
N GLU B 184 -12.15 -20.60 25.21
CA GLU B 184 -12.75 -21.92 25.30
C GLU B 184 -14.01 -21.89 26.16
N LEU B 185 -14.07 -20.92 27.07
CA LEU B 185 -15.20 -20.75 27.99
C LEU B 185 -16.53 -20.40 27.27
N ASP B 186 -17.66 -20.55 27.98
CA ASP B 186 -18.97 -20.14 27.49
C ASP B 186 -18.98 -18.63 27.21
N VAL B 187 -19.69 -18.23 26.17
CA VAL B 187 -19.82 -16.82 25.80
C VAL B 187 -20.26 -15.97 26.99
N LYS B 188 -21.22 -16.46 27.77
CA LYS B 188 -21.76 -15.71 28.91
C LYS B 188 -20.66 -15.41 29.93
N THR B 189 -19.79 -16.39 30.14
CA THR B 189 -18.72 -16.30 31.12
C THR B 189 -17.59 -15.40 30.62
N GLN B 190 -17.34 -15.45 29.32
CA GLN B 190 -16.39 -14.56 28.69
C GLN B 190 -16.83 -13.11 28.84
N ILE B 191 -18.06 -12.83 28.44
CA ILE B 191 -18.65 -11.49 28.61
C ILE B 191 -18.59 -10.99 30.06
N GLU B 192 -18.97 -11.85 31.00
CA GLU B 192 -18.87 -11.57 32.42
C GLU B 192 -17.45 -11.11 32.80
N LEU B 193 -16.44 -11.85 32.34
CA LEU B 193 -15.04 -11.52 32.60
C LEU B 193 -14.58 -10.19 31.95
N ILE B 194 -15.10 -9.91 30.76
CA ILE B 194 -14.74 -8.70 30.05
C ILE B 194 -15.37 -7.49 30.70
N MET B 195 -16.64 -7.62 31.08
CA MET B 195 -17.34 -6.49 31.71
C MET B 195 -16.72 -6.05 33.05
N ASN B 196 -16.21 -7.01 33.82
CA ASN B 196 -15.60 -6.72 35.11
C ASN B 196 -14.25 -6.03 34.96
N LYS B 197 -13.50 -6.45 33.96
CA LYS B 197 -12.22 -5.79 33.65
C LYS B 197 -12.49 -4.37 33.17
N LEU B 198 -13.46 -4.22 32.26
CA LEU B 198 -13.84 -2.90 31.76
C LEU B 198 -14.33 -1.99 32.88
N ASN B 199 -15.15 -2.52 33.80
CA ASN B 199 -15.68 -1.72 34.89
C ASN B 199 -14.58 -1.22 35.80
N SER B 200 -13.50 -1.98 35.90
CA SER B 200 -12.42 -1.63 36.81
C SER B 200 -11.36 -0.69 36.21
N ILE B 201 -11.53 -0.24 34.97
CA ILE B 201 -10.61 0.73 34.35
C ILE B 201 -11.28 2.06 33.98
MG MG C . 15.01 8.35 -15.10
P1 POP D . 14.32 9.45 -18.34
O1 POP D . 13.05 10.26 -18.86
O2 POP D . 14.34 9.62 -16.76
O3 POP D . 14.25 8.03 -18.77
O POP D . 15.61 10.29 -18.77
P2 POP D . 16.89 9.69 -19.64
O4 POP D . 17.37 8.27 -18.95
O5 POP D . 16.27 9.26 -21.08
O6 POP D . 17.97 10.72 -19.68
N1 DCM E . 8.21 2.68 -13.55
C2 DCM E . 6.96 2.01 -13.50
N3 DCM E . 5.92 2.55 -12.72
C4 DCM E . 6.13 3.74 -12.01
C5 DCM E . 7.37 4.39 -12.05
C6 DCM E . 8.40 3.87 -12.82
O2 DCM E . 6.75 0.96 -14.11
N4 DCM E . 5.13 4.21 -11.28
C1' DCM E . 9.32 2.13 -14.36
C2' DCM E . 9.08 2.68 -15.76
C3' DCM E . 10.46 3.07 -16.26
C4' DCM E . 11.38 2.92 -15.05
O4' DCM E . 10.54 2.72 -13.91
O3' DCM E . 10.87 2.14 -17.27
C5' DCM E . 12.30 4.16 -14.84
O5' DCM E . 11.63 5.41 -15.07
P DCM E . 12.26 6.62 -15.95
O1P DCM E . 13.15 7.55 -15.01
O2P DCM E . 13.35 5.94 -16.98
O3P DCM E . 11.20 7.39 -16.62
MG MG F . -15.02 -11.85 12.57
P1 POP G . -16.81 -15.65 15.18
O1 POP G . -17.53 -15.32 13.74
O2 POP G . -17.93 -15.30 16.31
O3 POP G . -16.32 -17.06 15.24
O POP G . -15.67 -14.50 15.40
P2 POP G . -14.23 -14.47 14.66
O4 POP G . -14.28 -15.31 13.27
O5 POP G . -14.19 -12.93 14.24
O6 POP G . -13.12 -14.91 15.51
N1 DCM H . -8.28 -12.12 6.68
C2 DCM H . -7.05 -12.25 5.99
N3 DCM H . -6.01 -11.35 6.28
C4 DCM H . -6.19 -10.33 7.23
C5 DCM H . -7.41 -10.19 7.89
C6 DCM H . -8.45 -11.08 7.63
O2 DCM H . -6.86 -13.14 5.16
N4 DCM H . -5.20 -9.49 7.48
C1' DCM H . -9.40 -13.04 6.41
C2' DCM H . -9.21 -14.15 7.42
C3' DCM H . -10.63 -14.54 7.78
C4' DCM H . -11.51 -13.40 7.30
O4' DCM H . -10.61 -12.39 6.79
O3' DCM H . -10.96 -15.74 7.08
C5' DCM H . -12.35 -12.77 8.44
O5' DCM H . -11.60 -12.68 9.65
P DCM H . -12.19 -13.18 11.08
O1P DCM H . -13.28 -12.09 11.60
O2P DCM H . -13.08 -14.50 10.78
O3P DCM H . -11.14 -13.39 12.10
#